data_9QK3
#
_entry.id   9QK3
#
_cell.length_a   89.869
_cell.length_b   89.869
_cell.length_c   51.621
_cell.angle_alpha   90.000
_cell.angle_beta   90.000
_cell.angle_gamma   120.000
#
_symmetry.space_group_name_H-M   'P 32 2 1'
#
loop_
_entity.id
_entity.type
_entity.pdbx_description
1 polymer SlPYL1-NIO
2 non-polymer "4'-HYDROXYCINNAMIC ACID"
3 non-polymer 'DIMETHYL SULFOXIDE'
4 water water
#
_entity_poly.entity_id   1
_entity_poly.type   'polypeptide(L)'
_entity_poly.pdbx_seq_one_letter_code
;MDNKPETSLDNPVHQRSEPGSETGSSLSTITTHHLTVPPGLTPEEFQELSSSIAEFHSYRINPGQCSSLLAQRIHAPVET
VWTVVRRFDKPQTYKHFIKSCSVGEDFRMTVGSTRDVTVISGLPAATSTERLDILDDDRHVTGFSIIGGEHRLRNYRSVT
TVHGFERDGEIWTVVLESYVVDVPEGNTEEDTRLFADTVVKLNLQKLASVTETLAREAGNGSVNSRDASHRS
;
_entity_poly.pdbx_strand_id   A
#
# COMPACT_ATOMS: atom_id res chain seq x y z
N LEU A 27 15.28 -20.77 8.66
CA LEU A 27 15.97 -19.55 8.26
C LEU A 27 15.03 -18.66 7.48
N SER A 28 15.48 -18.15 6.33
CA SER A 28 14.66 -17.28 5.50
C SER A 28 13.67 -18.10 4.67
N THR A 29 12.56 -17.47 4.31
CA THR A 29 11.56 -18.07 3.44
C THR A 29 11.11 -17.03 2.43
N ILE A 30 10.40 -17.49 1.41
CA ILE A 30 9.79 -16.63 0.40
C ILE A 30 8.29 -16.58 0.66
N THR A 31 7.70 -15.39 0.58
CA THR A 31 6.27 -15.26 0.80
C THR A 31 5.52 -15.99 -0.32
N THR A 32 4.28 -16.36 -0.03
CA THR A 32 3.45 -17.13 -0.95
C THR A 32 2.18 -16.38 -1.34
N HIS A 33 2.22 -15.04 -1.27
CA HIS A 33 1.05 -14.26 -1.64
C HIS A 33 0.58 -14.56 -3.05
N HIS A 34 1.48 -14.96 -3.93
CA HIS A 34 1.16 -15.18 -5.34
C HIS A 34 0.57 -16.56 -5.60
N LEU A 35 0.36 -17.37 -4.57
CA LEU A 35 -0.14 -18.74 -4.73
C LEU A 35 -1.55 -18.96 -4.19
N THR A 36 -2.15 -17.97 -3.52
CA THR A 36 -3.53 -18.06 -3.07
C THR A 36 -4.26 -16.76 -3.37
N VAL A 37 -5.59 -16.85 -3.34
CA VAL A 37 -6.44 -15.70 -3.62
C VAL A 37 -6.48 -14.83 -2.38
N PRO A 38 -5.98 -13.60 -2.43
CA PRO A 38 -5.99 -12.75 -1.25
C PRO A 38 -7.39 -12.24 -0.97
N PRO A 39 -7.66 -11.77 0.25
CA PRO A 39 -9.01 -11.27 0.55
C PRO A 39 -9.34 -10.10 -0.34
N GLY A 40 -10.58 -10.06 -0.81
CA GLY A 40 -11.06 -8.97 -1.63
C GLY A 40 -10.83 -9.13 -3.12
N LEU A 41 -10.31 -10.26 -3.55
CA LEU A 41 -10.05 -10.54 -4.97
C LEU A 41 -10.81 -11.81 -5.36
N THR A 42 -11.35 -11.82 -6.57
CA THR A 42 -12.01 -13.03 -7.04
C THR A 42 -11.01 -13.96 -7.71
N PRO A 43 -11.33 -15.24 -7.84
CA PRO A 43 -10.38 -16.15 -8.50
C PRO A 43 -10.11 -15.77 -9.94
N GLU A 44 -11.13 -15.33 -10.68
CA GLU A 44 -10.90 -14.84 -12.04
C GLU A 44 -9.85 -13.73 -12.04
N GLU A 45 -10.00 -12.76 -11.14
CA GLU A 45 -9.05 -11.66 -11.08
C GLU A 45 -7.67 -12.12 -10.66
N PHE A 46 -7.60 -13.08 -9.74
CA PHE A 46 -6.30 -13.58 -9.31
C PHE A 46 -5.55 -14.21 -10.48
N GLN A 47 -6.25 -15.00 -11.30
CA GLN A 47 -5.59 -15.65 -12.44
C GLN A 47 -4.91 -14.62 -13.35
N GLU A 48 -5.47 -13.42 -13.46
CA GLU A 48 -4.86 -12.38 -14.28
C GLU A 48 -3.66 -11.74 -13.60
N LEU A 49 -3.66 -11.68 -12.27
CA LEU A 49 -2.65 -10.95 -11.53
C LEU A 49 -1.55 -11.83 -10.97
N SER A 50 -1.59 -13.14 -11.22
CA SER A 50 -0.66 -14.04 -10.53
C SER A 50 0.78 -13.66 -10.84
N SER A 51 1.09 -13.33 -12.09
CA SER A 51 2.45 -12.96 -12.45
C SER A 51 2.84 -11.64 -11.80
N SER A 52 1.91 -10.68 -11.71
CA SER A 52 2.22 -9.40 -11.10
C SER A 52 2.47 -9.55 -9.60
N ILE A 53 1.70 -10.43 -8.95
CA ILE A 53 1.90 -10.65 -7.52
C ILE A 53 3.27 -11.27 -7.28
N ALA A 54 3.72 -12.16 -8.17
CA ALA A 54 5.06 -12.73 -8.01
C ALA A 54 6.14 -11.68 -8.22
N GLU A 55 5.92 -10.75 -9.15
CA GLU A 55 6.96 -9.80 -9.52
C GLU A 55 7.14 -8.70 -8.48
N PHE A 56 6.05 -8.16 -7.96
CA PHE A 56 6.10 -6.97 -7.11
C PHE A 56 5.67 -7.22 -5.66
N HIS A 57 5.05 -8.35 -5.37
CA HIS A 57 4.48 -8.60 -4.05
C HIS A 57 5.04 -9.88 -3.43
N SER A 58 6.28 -10.21 -3.76
CA SER A 58 6.99 -11.32 -3.15
C SER A 58 8.14 -10.77 -2.32
N TYR A 59 8.36 -11.37 -1.17
CA TYR A 59 9.38 -10.91 -0.23
C TYR A 59 10.14 -12.12 0.30
N ARG A 60 11.39 -11.91 0.67
CA ARG A 60 12.11 -12.90 1.48
C ARG A 60 12.04 -12.44 2.92
N ILE A 61 11.63 -13.35 3.79
CA ILE A 61 11.14 -13.02 5.13
C ILE A 61 11.86 -13.89 6.14
N ASN A 62 12.22 -13.29 7.27
CA ASN A 62 12.96 -13.97 8.31
C ASN A 62 12.10 -14.16 9.56
N PRO A 63 12.52 -15.03 10.47
CA PRO A 63 11.85 -15.10 11.78
C PRO A 63 11.79 -13.70 12.38
N GLY A 64 10.67 -13.39 13.01
CA GLY A 64 10.48 -12.07 13.56
C GLY A 64 9.91 -11.05 12.61
N GLN A 65 9.57 -11.45 11.39
CA GLN A 65 8.89 -10.59 10.44
C GLN A 65 7.56 -11.21 10.04
N CYS A 66 6.68 -10.39 9.47
CA CYS A 66 5.45 -10.91 8.91
C CYS A 66 5.11 -10.13 7.65
N SER A 67 4.32 -10.76 6.77
CA SER A 67 4.01 -10.16 5.48
C SER A 67 2.58 -10.53 5.11
N SER A 68 1.94 -9.64 4.36
CA SER A 68 0.55 -9.84 3.96
C SER A 68 0.30 -9.16 2.63
N LEU A 69 -0.74 -9.61 1.92
CA LEU A 69 -1.20 -9.00 0.67
C LEU A 69 -2.69 -8.69 0.79
N LEU A 70 -3.06 -7.45 0.48
CA LEU A 70 -4.44 -7.00 0.54
C LEU A 70 -4.88 -6.51 -0.83
N ALA A 71 -6.17 -6.67 -1.13
CA ALA A 71 -6.71 -6.27 -2.42
C ALA A 71 -8.00 -5.48 -2.24
N GLN A 72 -8.29 -4.60 -3.21
CA GLN A 72 -9.47 -3.75 -3.14
C GLN A 72 -9.97 -3.47 -4.55
N ARG A 73 -11.21 -3.85 -4.83
CA ARG A 73 -11.83 -3.51 -6.10
C ARG A 73 -12.36 -2.07 -6.07
N ILE A 74 -12.15 -1.36 -7.18
CA ILE A 74 -12.56 0.04 -7.30
C ILE A 74 -13.26 0.25 -8.64
N HIS A 75 -14.43 0.86 -8.61
CA HIS A 75 -15.21 1.11 -9.82
C HIS A 75 -14.83 2.49 -10.38
N ALA A 76 -13.60 2.52 -10.92
CA ALA A 76 -13.03 3.71 -11.54
C ALA A 76 -11.93 3.27 -12.49
N PRO A 77 -11.57 4.10 -13.46
CA PRO A 77 -10.51 3.72 -14.41
C PRO A 77 -9.15 3.70 -13.74
N VAL A 78 -8.23 2.93 -14.33
CA VAL A 78 -6.92 2.72 -13.71
C VAL A 78 -6.21 4.06 -13.50
N GLU A 79 -6.22 4.93 -14.50
CA GLU A 79 -5.43 6.15 -14.38
C GLU A 79 -6.05 7.14 -13.41
N THR A 80 -7.35 7.03 -13.15
CA THR A 80 -7.95 7.83 -12.09
C THR A 80 -7.44 7.39 -10.71
N VAL A 81 -7.40 6.07 -10.48
CA VAL A 81 -6.89 5.56 -9.22
C VAL A 81 -5.41 5.87 -9.08
N TRP A 82 -4.66 5.76 -10.18
CA TRP A 82 -3.21 5.94 -10.12
C TRP A 82 -2.84 7.38 -9.78
N THR A 83 -3.63 8.35 -10.26
CA THR A 83 -3.35 9.74 -9.92
C THR A 83 -3.32 9.98 -8.41
N VAL A 84 -4.10 9.22 -7.65
CA VAL A 84 -4.06 9.34 -6.19
C VAL A 84 -2.97 8.47 -5.57
N VAL A 85 -2.82 7.23 -6.07
CA VAL A 85 -1.86 6.30 -5.48
C VAL A 85 -0.44 6.84 -5.59
N ARG A 86 -0.13 7.55 -6.68
CA ARG A 86 1.23 8.00 -6.94
C ARG A 86 1.63 9.26 -6.18
N ARG A 87 0.69 9.90 -5.47
CA ARG A 87 0.96 11.20 -4.83
C ARG A 87 1.70 10.96 -3.52
N PHE A 88 3.00 10.72 -3.64
CA PHE A 88 3.84 10.41 -2.48
C PHE A 88 3.84 11.54 -1.46
N ASP A 89 3.68 12.77 -1.91
CA ASP A 89 3.71 13.90 -1.00
C ASP A 89 2.40 14.12 -0.27
N LYS A 90 1.33 13.40 -0.64
CA LYS A 90 0.01 13.60 -0.02
C LYS A 90 -0.65 12.25 0.29
N PRO A 91 -0.04 11.46 1.18
CA PRO A 91 -0.67 10.18 1.54
C PRO A 91 -1.99 10.36 2.26
N GLN A 92 -2.18 11.50 2.91
CA GLN A 92 -3.43 11.75 3.62
C GLN A 92 -4.62 11.86 2.69
N THR A 93 -4.39 11.92 1.38
CA THR A 93 -5.53 11.91 0.45
C THR A 93 -6.34 10.64 0.58
N TYR A 94 -5.70 9.50 0.90
CA TYR A 94 -6.43 8.25 1.03
C TYR A 94 -6.11 7.47 2.30
N LYS A 95 -5.16 7.91 3.13
CA LYS A 95 -4.81 7.18 4.33
C LYS A 95 -5.41 7.85 5.57
N HIS A 96 -5.77 7.03 6.55
CA HIS A 96 -6.24 7.49 7.84
C HIS A 96 -5.08 7.65 8.81
N PHE A 97 -5.34 8.35 9.91
CA PHE A 97 -4.41 8.46 11.04
C PHE A 97 -3.14 9.24 10.68
N ILE A 98 -3.23 10.15 9.72
CA ILE A 98 -2.13 11.04 9.39
C ILE A 98 -2.51 12.46 9.81
N LYS A 99 -1.75 13.03 10.74
CA LYS A 99 -2.00 14.40 11.18
C LYS A 99 -1.51 15.41 10.14
N SER A 100 -0.31 15.20 9.61
CA SER A 100 0.25 16.06 8.58
C SER A 100 1.31 15.28 7.83
N CYS A 101 1.74 15.84 6.69
CA CYS A 101 2.82 15.27 5.90
C CYS A 101 3.61 16.41 5.25
N SER A 102 4.94 16.36 5.41
CA SER A 102 5.84 17.43 4.97
C SER A 102 6.94 16.84 4.07
N VAL A 103 7.29 17.56 3.01
CA VAL A 103 8.35 17.12 2.11
C VAL A 103 9.28 18.27 1.76
N GLY A 104 9.12 19.40 2.44
CA GLY A 104 10.11 20.46 2.31
C GLY A 104 10.08 21.20 0.98
N GLU A 105 11.21 21.86 0.70
CA GLU A 105 11.25 22.94 -0.28
C GLU A 105 11.32 22.42 -1.72
N ASP A 106 12.42 21.76 -2.08
CA ASP A 106 12.68 21.38 -3.46
C ASP A 106 12.28 19.94 -3.75
N PHE A 107 11.10 19.52 -3.30
CA PHE A 107 10.64 18.15 -3.52
C PHE A 107 10.36 17.91 -5.00
N ARG A 108 10.88 16.81 -5.53
CA ARG A 108 10.47 16.30 -6.84
C ARG A 108 10.09 14.83 -6.67
N MET A 109 9.11 14.41 -7.46
CA MET A 109 8.60 13.04 -7.40
C MET A 109 9.60 12.09 -8.07
N THR A 110 10.64 11.74 -7.33
CA THR A 110 11.67 10.81 -7.81
C THR A 110 12.01 9.81 -6.71
N VAL A 111 12.39 8.60 -7.14
CA VAL A 111 12.78 7.58 -6.18
C VAL A 111 13.95 8.10 -5.34
N GLY A 112 13.94 7.76 -4.06
CA GLY A 112 14.92 8.27 -3.12
C GLY A 112 14.43 9.43 -2.28
N SER A 113 13.36 10.10 -2.69
CA SER A 113 12.81 11.21 -1.93
C SER A 113 12.20 10.70 -0.63
N THR A 114 12.03 11.62 0.33
CA THR A 114 11.48 11.27 1.63
C THR A 114 10.33 12.19 1.99
N ARG A 115 9.49 11.70 2.88
CA ARG A 115 8.42 12.49 3.46
C ARG A 115 8.41 12.27 4.97
N ASP A 116 8.00 13.29 5.72
CA ASP A 116 7.89 13.24 7.18
C ASP A 116 6.41 13.19 7.54
N VAL A 117 5.93 12.04 7.98
CA VAL A 117 4.52 11.81 8.29
C VAL A 117 4.33 11.90 9.80
N THR A 118 3.44 12.78 10.24
CA THR A 118 3.11 12.86 11.67
C THR A 118 1.89 11.97 11.90
N VAL A 119 2.05 10.94 12.74
CA VAL A 119 1.02 9.91 12.90
C VAL A 119 0.06 10.32 14.01
N ILE A 120 -1.22 9.99 13.82
CA ILE A 120 -2.23 10.08 14.87
C ILE A 120 -2.19 8.75 15.62
N SER A 121 -1.61 8.76 16.80
CA SER A 121 -1.38 7.53 17.53
C SER A 121 -2.03 7.48 18.90
N GLY A 122 -2.46 8.61 19.45
CA GLY A 122 -2.86 8.63 20.84
C GLY A 122 -1.70 8.59 21.81
N LEU A 123 -0.46 8.68 21.31
CA LEU A 123 0.75 8.80 22.11
C LEU A 123 1.41 10.12 21.74
N PRO A 124 2.49 10.53 22.41
CA PRO A 124 3.13 11.80 22.09
C PRO A 124 3.52 11.88 20.62
N ALA A 125 3.94 13.08 20.20
CA ALA A 125 4.19 13.36 18.79
C ALA A 125 5.21 12.40 18.22
N ALA A 126 4.87 11.79 17.09
CA ALA A 126 5.72 10.77 16.45
C ALA A 126 5.78 11.02 14.95
N THR A 127 6.97 11.29 14.43
CA THR A 127 7.16 11.47 13.00
C THR A 127 7.64 10.17 12.38
N SER A 128 7.04 9.79 11.27
CA SER A 128 7.45 8.63 10.49
C SER A 128 8.17 9.15 9.24
N THR A 129 9.48 8.90 9.17
CA THR A 129 10.25 9.27 7.99
C THR A 129 10.20 8.11 6.99
N GLU A 130 9.76 8.40 5.77
CA GLU A 130 9.43 7.38 4.79
C GLU A 130 10.09 7.74 3.46
N ARG A 131 10.67 6.74 2.81
CA ARG A 131 11.42 6.92 1.57
C ARG A 131 10.67 6.26 0.41
N LEU A 132 10.59 6.98 -0.71
CA LEU A 132 9.99 6.46 -1.94
C LEU A 132 10.96 5.50 -2.61
N ASP A 133 10.55 4.23 -2.76
CA ASP A 133 11.40 3.16 -3.25
C ASP A 133 11.22 2.86 -4.73
N ILE A 134 10.00 3.00 -5.23
CA ILE A 134 9.61 2.67 -6.60
C ILE A 134 8.61 3.71 -7.06
N LEU A 135 8.69 4.05 -8.36
CA LEU A 135 7.67 4.90 -8.99
C LEU A 135 7.73 4.58 -10.48
N ASP A 136 6.76 3.84 -10.96
CA ASP A 136 6.68 3.42 -12.37
C ASP A 136 5.33 3.87 -12.90
N ASP A 137 5.31 4.98 -13.64
CA ASP A 137 4.06 5.52 -14.17
C ASP A 137 3.52 4.71 -15.34
N ASP A 138 4.36 3.92 -16.01
CA ASP A 138 3.89 3.11 -17.12
C ASP A 138 3.18 1.85 -16.64
N ARG A 139 3.75 1.16 -15.65
CA ARG A 139 3.17 -0.07 -15.14
C ARG A 139 2.36 0.14 -13.88
N HIS A 140 2.37 1.34 -13.30
CA HIS A 140 1.51 1.68 -12.17
C HIS A 140 1.93 0.89 -10.92
N VAL A 141 3.19 1.03 -10.54
CA VAL A 141 3.72 0.42 -9.32
C VAL A 141 4.40 1.50 -8.49
N THR A 142 4.15 1.49 -7.18
CA THR A 142 4.90 2.34 -6.28
C THR A 142 5.16 1.58 -4.99
N GLY A 143 6.04 2.12 -4.16
CA GLY A 143 6.35 1.49 -2.89
C GLY A 143 7.20 2.41 -2.05
N PHE A 144 7.18 2.17 -0.74
CA PHE A 144 7.93 3.02 0.18
C PHE A 144 8.42 2.21 1.37
N SER A 145 9.38 2.79 2.09
CA SER A 145 9.97 2.20 3.29
C SER A 145 9.87 3.18 4.44
N ILE A 146 9.51 2.68 5.63
CA ILE A 146 9.58 3.47 6.85
C ILE A 146 11.01 3.33 7.38
N ILE A 147 11.80 4.40 7.30
CA ILE A 147 13.20 4.34 7.71
C ILE A 147 13.45 4.90 9.10
N GLY A 148 12.47 5.54 9.72
CA GLY A 148 12.66 6.03 11.07
C GLY A 148 11.33 6.39 11.70
N GLY A 149 11.23 6.26 13.02
CA GLY A 149 9.98 6.61 13.68
C GLY A 149 9.58 5.61 14.72
N GLU A 150 9.18 6.10 15.89
CA GLU A 150 8.88 5.26 17.04
C GLU A 150 7.38 4.96 17.07
N HIS A 151 6.99 3.99 16.24
CA HIS A 151 5.61 3.50 16.24
C HIS A 151 5.65 1.99 16.09
N ARG A 152 4.50 1.41 15.81
CA ARG A 152 4.28 -0.03 15.85
C ARG A 152 4.62 -0.73 14.55
N LEU A 153 5.24 -0.02 13.59
CA LEU A 153 5.54 -0.57 12.27
C LEU A 153 7.02 -0.33 11.95
N ARG A 154 7.89 -1.07 12.64
CA ARG A 154 9.33 -0.94 12.47
C ARG A 154 9.81 -1.69 11.24
N ASN A 155 10.68 -1.04 10.47
CA ASN A 155 11.21 -1.62 9.23
C ASN A 155 10.08 -2.04 8.29
N TYR A 156 9.04 -1.23 8.26
CA TYR A 156 7.92 -1.45 7.36
C TYR A 156 8.31 -1.13 5.93
N ARG A 157 7.93 -2.01 5.01
CA ARG A 157 8.15 -1.79 3.58
C ARG A 157 6.93 -2.32 2.85
N SER A 158 6.43 -1.55 1.87
CA SER A 158 5.20 -1.92 1.19
C SER A 158 5.28 -1.54 -0.29
N VAL A 159 4.48 -2.24 -1.10
CA VAL A 159 4.38 -2.01 -2.53
C VAL A 159 2.89 -1.96 -2.89
N THR A 160 2.52 -1.01 -3.74
CA THR A 160 1.16 -0.88 -4.26
C THR A 160 1.18 -0.97 -5.78
N THR A 161 0.29 -1.79 -6.35
CA THR A 161 0.17 -1.87 -7.81
C THR A 161 -1.30 -1.72 -8.19
N VAL A 162 -1.54 -1.18 -9.38
CA VAL A 162 -2.87 -0.85 -9.87
C VAL A 162 -3.12 -1.57 -11.19
N HIS A 163 -4.31 -2.15 -11.35
CA HIS A 163 -4.59 -3.07 -12.46
C HIS A 163 -5.98 -2.85 -13.02
N GLY A 164 -6.11 -2.84 -14.34
CA GLY A 164 -7.38 -2.60 -14.99
C GLY A 164 -8.06 -3.90 -15.44
N PHE A 165 -9.40 -3.89 -15.40
CA PHE A 165 -10.22 -5.03 -15.77
C PHE A 165 -11.37 -4.58 -16.64
N GLU A 166 -11.80 -5.45 -17.57
CA GLU A 166 -12.93 -5.16 -18.43
C GLU A 166 -13.80 -6.39 -18.57
N ARG A 167 -15.12 -6.18 -18.63
CA ARG A 167 -16.08 -7.23 -18.92
C ARG A 167 -17.28 -6.61 -19.62
N ASP A 168 -17.48 -6.99 -20.88
CA ASP A 168 -18.62 -6.52 -21.68
C ASP A 168 -18.74 -5.00 -21.62
N GLY A 169 -17.63 -4.31 -21.87
CA GLY A 169 -17.60 -2.87 -21.90
C GLY A 169 -17.55 -2.19 -20.55
N GLU A 170 -17.79 -2.91 -19.47
CA GLU A 170 -17.67 -2.35 -18.13
C GLU A 170 -16.21 -2.44 -17.67
N ILE A 171 -15.78 -1.43 -16.94
CA ILE A 171 -14.38 -1.31 -16.52
C ILE A 171 -14.33 -1.22 -15.01
N TRP A 172 -13.27 -1.78 -14.43
CA TRP A 172 -12.98 -1.56 -13.02
C TRP A 172 -11.48 -1.73 -12.80
N THR A 173 -11.06 -1.45 -11.58
CA THR A 173 -9.67 -1.49 -11.18
C THR A 173 -9.56 -2.39 -9.95
N VAL A 174 -8.42 -3.06 -9.83
CA VAL A 174 -8.03 -3.73 -8.60
C VAL A 174 -6.71 -3.11 -8.14
N VAL A 175 -6.64 -2.74 -6.87
CA VAL A 175 -5.40 -2.30 -6.24
C VAL A 175 -4.92 -3.41 -5.33
N LEU A 176 -3.64 -3.79 -5.47
CA LEU A 176 -2.97 -4.73 -4.59
C LEU A 176 -1.96 -3.98 -3.74
N GLU A 177 -1.94 -4.26 -2.43
CA GLU A 177 -0.98 -3.65 -1.53
C GLU A 177 -0.47 -4.73 -0.58
N SER A 178 0.84 -4.91 -0.57
CA SER A 178 1.51 -5.86 0.31
C SER A 178 2.55 -5.13 1.15
N TYR A 179 2.97 -5.77 2.25
CA TYR A 179 3.97 -5.20 3.13
C TYR A 179 4.76 -6.32 3.79
N VAL A 180 5.95 -5.97 4.29
CA VAL A 180 6.69 -6.76 5.27
C VAL A 180 6.99 -5.84 6.43
N VAL A 181 7.02 -6.37 7.65
CA VAL A 181 7.22 -5.54 8.84
C VAL A 181 7.74 -6.40 9.98
N ASP A 182 8.44 -5.76 10.92
CA ASP A 182 8.95 -6.46 12.10
C ASP A 182 7.83 -6.75 13.09
N VAL A 183 7.89 -7.92 13.72
CA VAL A 183 7.04 -8.24 14.86
C VAL A 183 7.80 -7.85 16.12
N PRO A 184 7.34 -6.87 16.89
CA PRO A 184 8.08 -6.46 18.09
C PRO A 184 8.21 -7.60 19.09
N GLU A 185 9.35 -7.62 19.79
CA GLU A 185 9.52 -8.56 20.88
C GLU A 185 8.38 -8.40 21.88
N GLY A 186 7.77 -9.52 22.26
CA GLY A 186 6.62 -9.52 23.12
C GLY A 186 5.30 -9.63 22.39
N ASN A 187 5.30 -9.39 21.08
CA ASN A 187 4.13 -9.58 20.23
C ASN A 187 4.16 -10.98 19.63
N THR A 188 2.96 -11.51 19.36
CA THR A 188 2.82 -12.62 18.45
C THR A 188 2.74 -12.09 17.03
N GLU A 189 3.02 -12.96 16.05
CA GLU A 189 2.91 -12.51 14.67
C GLU A 189 1.51 -11.97 14.39
N GLU A 190 0.47 -12.61 14.92
CA GLU A 190 -0.89 -12.15 14.70
C GLU A 190 -1.16 -10.83 15.41
N ASP A 191 -0.50 -10.57 16.55
CA ASP A 191 -0.63 -9.25 17.17
C ASP A 191 -0.32 -8.14 16.17
N THR A 192 0.67 -8.39 15.29
CA THR A 192 1.14 -7.38 14.34
C THR A 192 0.41 -7.48 13.00
N ARG A 193 0.20 -8.69 12.51
CA ARG A 193 -0.42 -8.88 11.20
C ARG A 193 -1.87 -8.40 11.19
N LEU A 194 -2.61 -8.67 12.26
CA LEU A 194 -4.00 -8.22 12.30
C LEU A 194 -4.07 -6.70 12.32
N PHE A 195 -3.16 -6.05 13.04
CA PHE A 195 -3.13 -4.59 13.13
C PHE A 195 -2.79 -3.98 11.77
N ALA A 196 -1.69 -4.45 11.16
CA ALA A 196 -1.27 -3.92 9.87
C ALA A 196 -2.33 -4.17 8.79
N ASP A 197 -2.90 -5.38 8.77
CA ASP A 197 -3.99 -5.67 7.83
C ASP A 197 -5.17 -4.72 8.01
N THR A 198 -5.57 -4.45 9.26
CA THR A 198 -6.73 -3.59 9.49
C THR A 198 -6.49 -2.19 8.93
N VAL A 199 -5.30 -1.63 9.19
CA VAL A 199 -4.99 -0.27 8.73
C VAL A 199 -4.87 -0.22 7.21
N VAL A 200 -4.14 -1.16 6.62
CA VAL A 200 -4.02 -1.14 5.15
C VAL A 200 -5.41 -1.28 4.52
N LYS A 201 -6.22 -2.21 5.03
CA LYS A 201 -7.57 -2.40 4.49
C LYS A 201 -8.42 -1.13 4.62
N LEU A 202 -8.33 -0.45 5.76
CA LEU A 202 -9.11 0.77 5.91
C LEU A 202 -8.68 1.83 4.91
N ASN A 203 -7.37 1.93 4.66
CA ASN A 203 -6.88 2.92 3.72
C ASN A 203 -7.30 2.60 2.29
N LEU A 204 -7.32 1.32 1.92
CA LEU A 204 -7.78 0.95 0.58
C LEU A 204 -9.27 1.25 0.41
N GLN A 205 -10.07 1.07 1.46
CA GLN A 205 -11.47 1.44 1.38
C GLN A 205 -11.64 2.94 1.16
N LYS A 206 -10.80 3.74 1.82
CA LYS A 206 -10.82 5.19 1.59
C LYS A 206 -10.36 5.52 0.17
N LEU A 207 -9.30 4.88 -0.31
CA LEU A 207 -8.88 5.06 -1.70
C LEU A 207 -10.02 4.79 -2.65
N ALA A 208 -10.76 3.71 -2.42
CA ALA A 208 -11.90 3.37 -3.27
C ALA A 208 -12.93 4.49 -3.25
N SER A 209 -13.30 4.97 -2.06
CA SER A 209 -14.30 6.01 -1.94
C SER A 209 -13.85 7.28 -2.67
N VAL A 210 -12.61 7.71 -2.40
CA VAL A 210 -12.10 8.96 -2.95
C VAL A 210 -12.05 8.92 -4.47
N THR A 211 -11.57 7.80 -5.04
CA THR A 211 -11.38 7.73 -6.49
C THR A 211 -12.67 7.41 -7.22
N GLU A 212 -13.58 6.67 -6.61
CA GLU A 212 -14.90 6.51 -7.21
C GLU A 212 -15.64 7.84 -7.26
N THR A 213 -15.49 8.66 -6.23
CA THR A 213 -16.05 10.01 -6.27
C THR A 213 -15.43 10.82 -7.40
N LEU A 214 -14.10 10.78 -7.51
CA LEU A 214 -13.43 11.46 -8.62
C LEU A 214 -13.97 10.99 -9.97
N ALA A 215 -14.23 9.68 -10.09
CA ALA A 215 -14.74 9.15 -11.35
C ALA A 215 -16.15 9.62 -11.63
N ARG A 216 -17.03 9.60 -10.62
CA ARG A 216 -18.42 10.01 -10.85
C ARG A 216 -18.53 11.46 -11.27
N GLU A 217 -17.55 12.29 -10.91
CA GLU A 217 -17.62 13.72 -11.19
C GLU A 217 -16.83 14.14 -12.42
N ALA A 218 -15.88 13.33 -12.86
CA ALA A 218 -15.21 13.50 -14.16
C ALA A 218 -14.50 14.84 -14.19
N GLY A 219 -14.77 15.72 -15.15
CA GLY A 219 -14.08 16.98 -15.27
C GLY A 219 -14.23 17.58 -16.64
#